data_8XUL
#
_entry.id   8XUL
#
_cell.length_a   220.178
_cell.length_b   220.178
_cell.length_c   220.178
_cell.angle_alpha   90.000
_cell.angle_beta   90.000
_cell.angle_gamma   90.000
#
_symmetry.space_group_name_H-M   'P 43 3 2'
#
loop_
_entity.id
_entity.type
_entity.pdbx_description
1 polymer XCC2207
2 branched beta-D-glucopyranose-(1-2)-beta-D-glucopyranose-(1-2)-beta-D-glucopyranose-(1-2)-beta-D-glucopyranose-(1-2)-beta-D-glucopyranose-(1-2)-beta-D-glucopyranose-(1-2)-beta-D-glucopyranose
3 water water
#
_entity_poly.entity_id   1
_entity_poly.type   'polypeptide(L)'
_entity_poly.pdbx_seq_one_letter_code
;MVGALLLASCKQAEEPKVAEKKAPVKVILVEAQIPPKPVKPPLPPLFSDIERRTFQFFWDTTNELNGLSPDRFPSRPFAS
IASVGFALTAYPIGIENGWVSRNQAIDRTLTTLKFFRDAPMGPQRTGKAGYKGFYYHFLDMQQGNRYDSWVELSSVDTAL
LMMGVLFTQSYYDGDDPREKEIRQIADTLYKRVDWRWLQQRAPLISMGWFPESGFIDHDWMGYNQAMMLYILALGSPTHG
VEPDAWTVWTRTYNNDWGVYQGQEYLSFGPMFGHQYSHVWIDFRDIQDQYMRERGIDYFLNSRRATLAQRDYAIDNPMKW
KDYGENVWGLTAGDGPQNTSQEYRGEQRQFRHYSSRGAGLRENFDDGTIAPTAAISSIVFAPEVVIPATEEMHKRYGDFL
YSSYGFLDSFNPSFNYDIPLKTGRMVPDRGWVASDYIAIDQGPILAMIANYQNEFVWNVMKKNAYIRTGLERAGFTGGWL
TPDGEPQPLPKKDEQAAAARALGMAESRAAAAQAQQDPSQRQHSSQRPKPELEHHHHHH
;
_entity_poly.pdbx_strand_id   A
#
# COMPACT_ATOMS: atom_id res chain seq x y z
N PRO A 41 -4.97 -15.21 18.21
CA PRO A 41 -6.21 -14.57 18.66
C PRO A 41 -7.25 -14.59 17.54
N PRO A 42 -8.48 -15.14 17.75
CA PRO A 42 -9.47 -15.18 16.67
C PRO A 42 -10.13 -13.82 16.44
N LEU A 43 -10.71 -13.63 15.24
CA LEU A 43 -11.30 -12.36 14.86
C LEU A 43 -12.79 -12.36 15.14
N PRO A 44 -13.32 -11.29 15.77
CA PRO A 44 -14.76 -11.12 15.91
C PRO A 44 -15.41 -10.99 14.53
N PRO A 45 -16.73 -11.21 14.42
CA PRO A 45 -17.45 -11.06 13.16
C PRO A 45 -17.29 -9.72 12.44
N LEU A 46 -17.02 -8.64 13.19
CA LEU A 46 -16.82 -7.33 12.58
C LEU A 46 -15.76 -7.38 11.46
N PHE A 47 -14.74 -8.23 11.61
CA PHE A 47 -13.60 -8.23 10.70
C PHE A 47 -14.00 -8.89 9.39
N SER A 48 -14.92 -9.87 9.42
CA SER A 48 -15.47 -10.48 8.21
C SER A 48 -16.33 -9.47 7.46
N ASP A 49 -17.08 -8.60 8.16
CA ASP A 49 -17.77 -7.50 7.50
C ASP A 49 -16.78 -6.49 6.90
N ILE A 50 -15.67 -6.21 7.57
CA ILE A 50 -14.72 -5.22 7.06
C ILE A 50 -14.07 -5.72 5.78
N GLU A 51 -13.66 -6.99 5.85
CA GLU A 51 -13.09 -7.72 4.72
C GLU A 51 -14.01 -7.59 3.51
N ARG A 52 -15.31 -7.84 3.71
CA ARG A 52 -16.30 -7.89 2.64
C ARG A 52 -16.54 -6.51 2.01
N ARG A 53 -16.83 -5.49 2.84
CA ARG A 53 -17.10 -4.18 2.26
C ARG A 53 -15.88 -3.68 1.47
N THR A 54 -14.68 -4.06 1.94
CA THR A 54 -13.45 -3.55 1.36
C THR A 54 -13.13 -4.29 0.07
N PHE A 55 -13.42 -5.59 0.00
CA PHE A 55 -13.42 -6.30 -1.28
C PHE A 55 -14.38 -5.60 -2.24
N GLN A 56 -15.61 -5.33 -1.77
CA GLN A 56 -16.68 -4.81 -2.62
C GLN A 56 -16.27 -3.48 -3.22
N PHE A 57 -15.41 -2.73 -2.50
CA PHE A 57 -14.86 -1.48 -3.00
C PHE A 57 -14.22 -1.70 -4.37
N PHE A 58 -13.22 -2.57 -4.38
CA PHE A 58 -12.42 -2.85 -5.55
C PHE A 58 -13.25 -3.49 -6.65
N TRP A 59 -14.22 -4.36 -6.28
CA TRP A 59 -15.10 -4.96 -7.27
C TRP A 59 -15.91 -3.89 -7.98
N ASP A 60 -16.51 -2.96 -7.21
CA ASP A 60 -17.54 -2.07 -7.72
C ASP A 60 -16.92 -0.81 -8.34
N THR A 61 -15.92 -0.19 -7.67
CA THR A 61 -15.49 1.15 -8.03
C THR A 61 -14.53 1.09 -9.22
N THR A 62 -14.02 -0.12 -9.54
CA THR A 62 -13.24 -0.35 -10.72
C THR A 62 -14.10 -0.21 -11.97
N ASN A 63 -13.55 0.45 -13.00
CA ASN A 63 -14.18 0.49 -14.31
C ASN A 63 -14.09 -0.89 -14.96
N GLU A 64 -15.23 -1.49 -15.30
CA GLU A 64 -15.25 -2.88 -15.75
C GLU A 64 -14.83 -2.99 -17.24
N LEU A 65 -14.86 -1.90 -18.01
CA LEU A 65 -14.53 -1.95 -19.42
C LEU A 65 -13.02 -2.13 -19.60
N ASN A 66 -12.21 -1.63 -18.65
CA ASN A 66 -10.76 -1.67 -18.77
C ASN A 66 -10.05 -2.13 -17.48
N GLY A 67 -10.79 -2.26 -16.36
CA GLY A 67 -10.19 -2.75 -15.12
C GLY A 67 -9.33 -1.73 -14.38
N LEU A 68 -9.52 -0.44 -14.69
CA LEU A 68 -8.82 0.63 -13.99
C LEU A 68 -9.58 1.00 -12.72
N SER A 69 -8.88 0.87 -11.58
CA SER A 69 -9.42 1.16 -10.27
C SER A 69 -9.06 2.59 -9.87
N PRO A 70 -10.00 3.36 -9.29
CA PRO A 70 -9.77 4.76 -8.96
C PRO A 70 -8.79 4.92 -7.80
N ASP A 71 -8.02 6.01 -7.88
CA ASP A 71 -7.11 6.45 -6.84
C ASP A 71 -7.93 6.69 -5.59
N ARG A 72 -9.10 7.31 -5.79
CA ARG A 72 -9.99 7.63 -4.71
C ARG A 72 -11.43 7.62 -5.25
N PHE A 73 -12.39 7.39 -4.33
CA PHE A 73 -13.80 7.29 -4.64
C PHE A 73 -14.59 7.71 -3.40
N PRO A 74 -15.73 8.43 -3.51
CA PRO A 74 -16.39 8.69 -4.80
C PRO A 74 -15.88 9.80 -5.72
N SER A 75 -14.87 10.57 -5.31
CA SER A 75 -14.42 11.68 -6.12
C SER A 75 -13.95 11.16 -7.51
N ARG A 76 -13.21 10.05 -7.56
CA ARG A 76 -13.06 9.32 -8.82
C ARG A 76 -12.41 10.22 -9.87
N PRO A 77 -11.33 10.97 -9.53
CA PRO A 77 -10.78 11.92 -10.51
C PRO A 77 -10.07 11.22 -11.67
N PHE A 78 -9.41 10.09 -11.37
CA PHE A 78 -8.53 9.37 -12.30
C PHE A 78 -8.14 8.05 -11.65
N ALA A 79 -7.53 7.16 -12.43
CA ALA A 79 -7.18 5.82 -11.96
C ALA A 79 -5.76 5.81 -11.42
N SER A 80 -5.46 4.84 -10.56
CA SER A 80 -4.10 4.64 -10.11
C SER A 80 -3.66 3.21 -10.41
N ILE A 81 -2.45 3.05 -10.97
CA ILE A 81 -1.95 1.73 -11.30
C ILE A 81 -1.71 0.93 -10.02
N ALA A 82 -1.40 1.64 -8.92
CA ALA A 82 -1.31 1.06 -7.59
C ALA A 82 -2.70 0.61 -7.09
N SER A 83 -3.75 1.41 -7.30
CA SER A 83 -5.10 0.88 -7.09
C SER A 83 -5.23 -0.48 -7.79
N VAL A 84 -4.87 -0.55 -9.06
CA VAL A 84 -5.07 -1.78 -9.83
C VAL A 84 -4.33 -2.95 -9.18
N GLY A 85 -3.10 -2.71 -8.72
CA GLY A 85 -2.34 -3.73 -8.01
C GLY A 85 -3.13 -4.37 -6.87
N PHE A 86 -3.77 -3.52 -6.06
CA PHE A 86 -4.54 -4.03 -4.93
C PHE A 86 -5.85 -4.63 -5.44
N ALA A 87 -6.37 -4.15 -6.58
CA ALA A 87 -7.60 -4.70 -7.12
C ALA A 87 -7.38 -6.15 -7.52
N LEU A 88 -6.29 -6.42 -8.23
CA LEU A 88 -6.00 -7.76 -8.73
C LEU A 88 -5.76 -8.71 -7.56
N THR A 89 -5.23 -8.19 -6.45
CA THR A 89 -5.05 -9.01 -5.26
C THR A 89 -6.40 -9.22 -4.58
N ALA A 90 -7.27 -8.21 -4.63
CA ALA A 90 -8.58 -8.32 -4.01
C ALA A 90 -9.46 -9.40 -4.66
N TYR A 91 -9.49 -9.48 -6.00
CA TYR A 91 -10.53 -10.27 -6.67
C TYR A 91 -10.51 -11.72 -6.18
N PRO A 92 -9.35 -12.43 -6.07
CA PRO A 92 -9.37 -13.80 -5.56
C PRO A 92 -9.77 -13.95 -4.09
N ILE A 93 -9.63 -12.86 -3.30
CA ILE A 93 -10.12 -12.90 -1.94
C ILE A 93 -11.64 -13.00 -1.98
N GLY A 94 -12.26 -12.30 -2.93
CA GLY A 94 -13.71 -12.38 -3.13
C GLY A 94 -14.19 -13.78 -3.54
N ILE A 95 -13.42 -14.44 -4.40
CA ILE A 95 -13.76 -15.76 -4.86
C ILE A 95 -13.83 -16.71 -3.67
N GLU A 96 -12.84 -16.63 -2.76
CA GLU A 96 -12.65 -17.67 -1.75
C GLU A 96 -13.68 -17.49 -0.64
N ASN A 97 -14.12 -16.25 -0.43
CA ASN A 97 -15.18 -15.94 0.50
C ASN A 97 -16.56 -15.90 -0.16
N GLY A 98 -16.62 -16.17 -1.48
CA GLY A 98 -17.89 -16.33 -2.17
C GLY A 98 -18.60 -14.99 -2.45
N TRP A 99 -17.86 -13.87 -2.47
CA TRP A 99 -18.48 -12.57 -2.74
C TRP A 99 -18.63 -12.35 -4.24
N VAL A 100 -17.95 -13.19 -5.04
CA VAL A 100 -17.94 -13.07 -6.49
C VAL A 100 -17.56 -14.46 -7.01
N SER A 101 -18.12 -14.85 -8.14
CA SER A 101 -17.81 -16.11 -8.78
C SER A 101 -16.41 -16.09 -9.37
N ARG A 102 -15.78 -17.27 -9.40
CA ARG A 102 -14.52 -17.45 -10.11
C ARG A 102 -14.59 -16.85 -11.52
N ASN A 103 -15.71 -17.02 -12.25
CA ASN A 103 -15.80 -16.61 -13.66
C ASN A 103 -15.79 -15.09 -13.83
N GLN A 104 -16.54 -14.37 -12.98
CA GLN A 104 -16.52 -12.92 -12.95
C GLN A 104 -15.09 -12.41 -12.73
N ALA A 105 -14.39 -12.98 -11.73
CA ALA A 105 -13.03 -12.57 -11.35
C ALA A 105 -12.07 -12.80 -12.51
N ILE A 106 -12.17 -13.96 -13.17
CA ILE A 106 -11.40 -14.24 -14.36
C ILE A 106 -11.65 -13.20 -15.44
N ASP A 107 -12.92 -12.90 -15.73
CA ASP A 107 -13.25 -12.05 -16.86
C ASP A 107 -12.68 -10.65 -16.61
N ARG A 108 -12.89 -10.17 -15.36
CA ARG A 108 -12.40 -8.88 -14.91
C ARG A 108 -10.87 -8.90 -14.96
N THR A 109 -10.24 -9.96 -14.48
CA THR A 109 -8.78 -10.00 -14.44
C THR A 109 -8.17 -9.94 -15.87
N LEU A 110 -8.75 -10.72 -16.79
CA LEU A 110 -8.35 -10.79 -18.19
C LEU A 110 -8.51 -9.41 -18.85
N THR A 111 -9.66 -8.74 -18.60
CA THR A 111 -9.89 -7.41 -19.16
C THR A 111 -8.76 -6.47 -18.73
N THR A 112 -8.41 -6.52 -17.43
CA THR A 112 -7.37 -5.72 -16.83
C THR A 112 -6.00 -5.96 -17.47
N LEU A 113 -5.59 -7.22 -17.53
CA LEU A 113 -4.25 -7.56 -17.99
C LEU A 113 -4.13 -7.24 -19.49
N LYS A 114 -5.21 -7.41 -20.27
CA LYS A 114 -5.21 -7.09 -21.69
C LYS A 114 -5.19 -5.59 -21.95
N PHE A 115 -5.85 -4.82 -21.07
CA PHE A 115 -5.77 -3.37 -21.18
C PHE A 115 -4.30 -2.91 -21.12
N PHE A 116 -3.54 -3.42 -20.15
CA PHE A 116 -2.17 -2.96 -19.98
C PHE A 116 -1.29 -3.49 -21.12
N ARG A 117 -1.49 -4.76 -21.51
CA ARG A 117 -0.71 -5.36 -22.57
C ARG A 117 -0.84 -4.53 -23.86
N ASP A 118 -2.07 -4.11 -24.18
CA ASP A 118 -2.39 -3.49 -25.46
C ASP A 118 -2.38 -1.96 -25.38
N ALA A 119 -2.08 -1.37 -24.21
CA ALA A 119 -2.16 0.09 -24.07
C ALA A 119 -1.08 0.75 -24.94
N PRO A 120 -1.28 1.99 -25.43
CA PRO A 120 -0.25 2.64 -26.22
C PRO A 120 0.94 2.96 -25.30
N MET A 121 2.14 2.58 -25.76
CA MET A 121 3.40 2.77 -25.05
C MET A 121 4.34 3.64 -25.89
N GLY A 122 5.20 4.43 -25.23
CA GLY A 122 6.02 5.41 -25.93
C GLY A 122 6.47 6.58 -25.06
N PRO A 123 7.40 7.42 -25.56
CA PRO A 123 7.95 8.52 -24.77
C PRO A 123 7.18 9.84 -24.83
N GLN A 124 6.01 9.84 -25.48
CA GLN A 124 5.33 11.08 -25.80
C GLN A 124 4.61 11.69 -24.59
N ARG A 125 4.42 13.00 -24.63
CA ARG A 125 3.83 13.77 -23.54
C ARG A 125 2.35 13.41 -23.35
N THR A 126 1.61 13.12 -24.43
CA THR A 126 0.21 12.70 -24.30
C THR A 126 -0.03 11.37 -25.02
N GLY A 127 -1.16 10.72 -24.70
CA GLY A 127 -1.68 9.60 -25.49
C GLY A 127 -1.14 8.23 -25.10
N LYS A 128 -0.09 8.17 -24.25
CA LYS A 128 0.50 6.90 -23.81
C LYS A 128 0.18 6.62 -22.34
N ALA A 129 0.14 5.33 -22.00
CA ALA A 129 -0.12 4.87 -20.66
C ALA A 129 1.20 4.59 -19.95
N GLY A 130 2.26 4.35 -20.71
CA GLY A 130 3.51 3.91 -20.13
C GLY A 130 4.67 4.03 -21.11
N TYR A 131 5.83 3.57 -20.66
CA TYR A 131 7.06 3.61 -21.41
C TYR A 131 8.07 2.70 -20.72
N LYS A 132 8.79 1.93 -21.53
CA LYS A 132 9.87 1.11 -21.03
C LYS A 132 9.28 0.09 -20.05
N GLY A 133 8.04 -0.32 -20.30
CA GLY A 133 7.39 -1.33 -19.50
C GLY A 133 6.80 -0.78 -18.19
N PHE A 134 7.09 0.49 -17.89
CA PHE A 134 6.52 1.17 -16.75
C PHE A 134 5.25 1.89 -17.20
N TYR A 135 4.43 2.35 -16.24
CA TYR A 135 3.21 3.06 -16.57
C TYR A 135 3.10 4.35 -15.76
N TYR A 136 2.37 5.32 -16.30
CA TYR A 136 2.06 6.53 -15.56
C TYR A 136 1.22 6.14 -14.33
N HIS A 137 1.54 6.82 -13.22
CA HIS A 137 0.95 6.59 -11.91
C HIS A 137 -0.57 6.72 -12.04
N PHE A 138 -0.99 7.74 -12.80
CA PHE A 138 -2.39 8.12 -12.88
C PHE A 138 -2.81 8.14 -14.34
N LEU A 139 -3.91 7.44 -14.63
CA LEU A 139 -4.44 7.39 -15.97
C LEU A 139 -5.91 7.79 -15.89
N ASP A 140 -6.45 8.28 -17.02
CA ASP A 140 -7.85 8.65 -17.12
C ASP A 140 -8.71 7.39 -16.99
N MET A 141 -9.82 7.52 -16.29
CA MET A 141 -10.62 6.36 -15.92
C MET A 141 -11.19 5.69 -17.18
N GLN A 142 -11.54 6.49 -18.20
CA GLN A 142 -12.24 5.92 -19.35
C GLN A 142 -11.26 5.59 -20.49
N GLN A 143 -10.28 6.45 -20.81
CA GLN A 143 -9.44 6.27 -21.99
C GLN A 143 -8.09 5.61 -21.66
N GLY A 144 -7.61 5.74 -20.41
CA GLY A 144 -6.56 4.87 -19.90
C GLY A 144 -5.13 5.37 -20.09
N ASN A 145 -5.00 6.61 -20.60
CA ASN A 145 -3.69 7.19 -20.86
C ASN A 145 -3.29 8.08 -19.67
N ARG A 146 -2.04 8.57 -19.68
CA ARG A 146 -1.49 9.52 -18.73
C ARG A 146 -2.51 10.62 -18.49
N TYR A 147 -2.92 10.82 -17.22
CA TYR A 147 -3.99 11.77 -16.92
C TYR A 147 -3.61 13.17 -17.42
N ASP A 148 -2.43 13.66 -17.06
CA ASP A 148 -1.99 15.00 -17.41
C ASP A 148 -0.48 15.09 -17.19
N SER A 149 0.12 16.25 -17.43
CA SER A 149 1.56 16.34 -17.63
C SER A 149 2.31 16.43 -16.30
N TRP A 150 1.56 16.56 -15.19
CA TRP A 150 2.15 16.55 -13.85
C TRP A 150 2.39 15.10 -13.40
N VAL A 151 1.91 14.14 -14.20
CA VAL A 151 1.93 12.72 -13.84
C VAL A 151 3.25 12.07 -14.26
N GLU A 152 3.91 11.45 -13.30
CA GLU A 152 5.18 10.77 -13.52
C GLU A 152 4.95 9.32 -13.93
N LEU A 153 5.89 8.78 -14.73
CA LEU A 153 6.08 7.35 -14.91
C LEU A 153 6.68 6.81 -13.62
N SER A 154 5.95 5.95 -12.88
CA SER A 154 6.31 5.65 -11.49
C SER A 154 6.85 4.23 -11.35
N SER A 155 7.96 4.15 -10.63
CA SER A 155 8.61 2.88 -10.35
C SER A 155 7.88 2.14 -9.22
N VAL A 156 7.67 2.81 -8.08
CA VAL A 156 6.99 2.20 -6.94
C VAL A 156 5.55 1.87 -7.35
N ASP A 157 4.92 2.69 -8.19
CA ASP A 157 3.52 2.46 -8.49
C ASP A 157 3.40 1.31 -9.52
N THR A 158 4.31 1.27 -10.51
CA THR A 158 4.44 0.11 -11.38
C THR A 158 4.69 -1.15 -10.55
N ALA A 159 5.61 -1.03 -9.57
CA ALA A 159 5.91 -2.11 -8.66
C ALA A 159 4.65 -2.71 -8.04
N LEU A 160 3.81 -1.86 -7.42
CA LEU A 160 2.57 -2.28 -6.75
C LEU A 160 1.62 -3.00 -7.72
N LEU A 161 1.44 -2.45 -8.91
CA LEU A 161 0.69 -3.10 -9.98
C LEU A 161 1.25 -4.50 -10.21
N MET A 162 2.58 -4.58 -10.39
CA MET A 162 3.20 -5.83 -10.78
C MET A 162 3.01 -6.87 -9.67
N MET A 163 2.92 -6.42 -8.41
CA MET A 163 2.68 -7.35 -7.31
C MET A 163 1.32 -8.01 -7.53
N GLY A 164 0.30 -7.22 -7.82
CA GLY A 164 -1.00 -7.75 -8.22
C GLY A 164 -0.95 -8.64 -9.47
N VAL A 165 -0.09 -8.28 -10.44
CA VAL A 165 0.00 -9.03 -11.68
C VAL A 165 0.56 -10.42 -11.39
N LEU A 166 1.59 -10.50 -10.54
CA LEU A 166 2.23 -11.79 -10.28
C LEU A 166 1.34 -12.65 -9.37
N PHE A 167 0.60 -11.98 -8.48
CA PHE A 167 -0.46 -12.60 -7.71
C PHE A 167 -1.44 -13.31 -8.63
N THR A 168 -1.86 -12.66 -9.73
CA THR A 168 -2.79 -13.32 -10.64
C THR A 168 -2.09 -14.53 -11.27
N GLN A 169 -0.78 -14.42 -11.49
CA GLN A 169 -0.03 -15.45 -12.18
C GLN A 169 0.00 -16.72 -11.33
N SER A 170 0.16 -16.57 -10.01
CA SER A 170 0.30 -17.70 -9.11
C SER A 170 -1.06 -18.18 -8.58
N TYR A 171 -2.11 -17.36 -8.67
CA TYR A 171 -3.41 -17.74 -8.16
C TYR A 171 -4.19 -18.53 -9.24
N TYR A 172 -4.30 -17.95 -10.45
CA TYR A 172 -5.12 -18.54 -11.51
C TYR A 172 -4.37 -19.67 -12.19
N ASP A 173 -4.31 -20.85 -11.51
CA ASP A 173 -3.43 -21.94 -11.89
C ASP A 173 -4.22 -23.09 -12.55
N GLY A 174 -5.37 -22.77 -13.14
CA GLY A 174 -6.27 -23.81 -13.63
C GLY A 174 -6.03 -24.10 -15.10
N ASP A 175 -6.75 -25.11 -15.61
CA ASP A 175 -6.63 -25.51 -17.01
C ASP A 175 -7.64 -24.76 -17.86
N ASP A 176 -8.47 -23.89 -17.27
CA ASP A 176 -9.29 -23.01 -18.09
C ASP A 176 -8.32 -22.29 -19.04
N PRO A 177 -8.61 -22.25 -20.36
CA PRO A 177 -7.80 -21.44 -21.28
C PRO A 177 -7.69 -19.98 -20.85
N ARG A 178 -8.71 -19.47 -20.14
CA ARG A 178 -8.70 -18.10 -19.64
C ARG A 178 -7.62 -17.93 -18.56
N GLU A 179 -7.53 -18.91 -17.65
CA GLU A 179 -6.55 -18.85 -16.57
C GLU A 179 -5.14 -18.96 -17.14
N LYS A 180 -5.01 -19.73 -18.23
CA LYS A 180 -3.75 -19.90 -18.95
C LYS A 180 -3.35 -18.57 -19.58
N GLU A 181 -4.32 -17.90 -20.21
CA GLU A 181 -4.13 -16.60 -20.84
C GLU A 181 -3.71 -15.57 -19.78
N ILE A 182 -4.31 -15.65 -18.58
CA ILE A 182 -3.94 -14.79 -17.46
C ILE A 182 -2.47 -15.00 -17.09
N ARG A 183 -2.04 -16.25 -17.00
CA ARG A 183 -0.67 -16.55 -16.60
C ARG A 183 0.31 -15.95 -17.62
N GLN A 184 -0.01 -16.10 -18.90
CA GLN A 184 0.88 -15.69 -19.98
C GLN A 184 0.94 -14.16 -20.08
N ILE A 185 -0.21 -13.48 -20.00
CA ILE A 185 -0.19 -12.03 -20.11
C ILE A 185 0.53 -11.44 -18.89
N ALA A 186 0.27 -12.00 -17.71
CA ALA A 186 0.94 -11.54 -16.51
C ALA A 186 2.45 -11.61 -16.70
N ASP A 187 2.93 -12.78 -17.13
CA ASP A 187 4.33 -13.07 -17.44
C ASP A 187 4.92 -12.04 -18.40
N THR A 188 4.19 -11.68 -19.46
CA THR A 188 4.62 -10.70 -20.45
C THR A 188 4.74 -9.29 -19.87
N LEU A 189 3.75 -8.89 -19.04
CA LEU A 189 3.76 -7.57 -18.44
C LEU A 189 4.94 -7.41 -17.48
N TYR A 190 5.24 -8.43 -16.69
CA TYR A 190 6.33 -8.35 -15.74
C TYR A 190 7.68 -8.29 -16.47
N LYS A 191 7.86 -9.13 -17.49
CA LYS A 191 9.09 -9.23 -18.25
C LYS A 191 9.44 -7.92 -19.00
N ARG A 192 8.44 -7.13 -19.40
CA ARG A 192 8.68 -5.90 -20.14
C ARG A 192 9.22 -4.76 -19.27
N VAL A 193 9.06 -4.83 -17.95
CA VAL A 193 9.50 -3.73 -17.11
C VAL A 193 11.03 -3.70 -17.13
N ASP A 194 11.57 -2.58 -17.64
CA ASP A 194 13.00 -2.35 -17.75
C ASP A 194 13.54 -1.69 -16.48
N TRP A 195 13.68 -2.49 -15.43
CA TRP A 195 14.17 -1.96 -14.17
C TRP A 195 15.50 -1.22 -14.41
N ARG A 196 16.39 -1.83 -15.20
CA ARG A 196 17.74 -1.33 -15.42
C ARG A 196 17.69 0.12 -15.92
N TRP A 197 16.74 0.41 -16.80
CA TRP A 197 16.58 1.75 -17.32
C TRP A 197 16.53 2.79 -16.20
N LEU A 198 15.97 2.43 -15.04
CA LEU A 198 15.74 3.44 -14.01
C LEU A 198 16.90 3.54 -13.01
N GLN A 199 18.01 2.83 -13.26
CA GLN A 199 19.21 2.92 -12.44
C GLN A 199 20.09 4.08 -12.90
N GLN A 200 19.68 5.31 -12.55
CA GLN A 200 20.43 6.51 -12.91
C GLN A 200 21.64 6.67 -12.00
N ARG A 201 21.40 6.64 -10.68
CA ARG A 201 22.46 6.55 -9.69
C ARG A 201 22.76 5.08 -9.36
N ALA A 202 23.72 4.48 -10.08
CA ALA A 202 24.38 3.26 -9.63
C ALA A 202 23.31 2.19 -9.48
N PRO A 203 23.43 1.14 -8.62
CA PRO A 203 22.37 0.14 -8.54
C PRO A 203 21.04 0.61 -7.93
N LEU A 204 20.92 1.91 -7.64
CA LEU A 204 19.76 2.45 -6.95
C LEU A 204 18.76 2.92 -8.01
N ILE A 205 17.47 2.61 -7.77
CA ILE A 205 16.41 2.83 -8.75
C ILE A 205 15.78 4.19 -8.46
N SER A 206 15.69 4.98 -9.52
CA SER A 206 14.99 6.26 -9.56
C SER A 206 13.49 6.07 -9.30
N MET A 207 12.86 7.17 -8.89
CA MET A 207 11.46 7.18 -8.49
C MET A 207 10.55 7.18 -9.70
N GLY A 208 11.05 7.65 -10.85
CA GLY A 208 10.22 7.74 -12.04
C GLY A 208 10.85 8.60 -13.13
N TRP A 209 10.00 9.14 -14.02
CA TRP A 209 10.47 9.77 -15.25
C TRP A 209 9.38 10.66 -15.86
N PHE A 210 9.79 11.82 -16.39
CA PHE A 210 8.85 12.65 -17.13
C PHE A 210 9.33 12.80 -18.58
N PRO A 211 8.43 12.73 -19.59
CA PRO A 211 8.79 13.15 -20.94
C PRO A 211 9.40 14.56 -20.97
N GLU A 212 8.90 15.46 -20.11
CA GLU A 212 9.24 16.86 -20.24
C GLU A 212 10.49 17.24 -19.46
N SER A 213 10.97 16.43 -18.49
CA SER A 213 12.13 16.82 -17.68
C SER A 213 13.17 15.71 -17.46
N GLY A 214 12.97 14.51 -18.01
CA GLY A 214 13.89 13.39 -17.78
C GLY A 214 13.67 12.67 -16.45
N PHE A 215 14.71 11.98 -15.96
CA PHE A 215 14.60 11.13 -14.77
C PHE A 215 14.35 12.00 -13.54
N ILE A 216 13.59 11.46 -12.57
CA ILE A 216 13.38 12.09 -11.28
C ILE A 216 14.64 11.87 -10.43
N ASP A 217 15.09 12.94 -9.76
CA ASP A 217 16.39 12.96 -9.12
C ASP A 217 16.38 12.26 -7.77
N HIS A 218 15.20 11.86 -7.29
CA HIS A 218 15.10 11.12 -6.05
C HIS A 218 15.16 9.61 -6.36
N ASP A 219 15.74 8.87 -5.42
CA ASP A 219 15.91 7.43 -5.53
C ASP A 219 15.21 6.74 -4.37
N TRP A 220 14.88 5.46 -4.56
CA TRP A 220 14.25 4.67 -3.52
C TRP A 220 15.33 4.17 -2.56
N MET A 221 15.37 4.79 -1.37
CA MET A 221 16.39 4.56 -0.36
C MET A 221 15.71 4.07 0.93
N GLY A 222 16.33 3.11 1.61
CA GLY A 222 15.73 2.51 2.79
C GLY A 222 15.83 3.43 4.00
N TYR A 223 14.87 3.33 4.94
CA TYR A 223 13.82 2.31 4.96
C TYR A 223 12.46 2.95 4.68
N ASN A 224 11.60 2.22 3.93
CA ASN A 224 10.24 2.63 3.59
C ASN A 224 9.53 1.44 2.93
N GLN A 225 8.41 1.67 2.23
CA GLN A 225 7.55 0.57 1.71
C GLN A 225 8.03 -0.03 0.40
N ALA A 226 9.20 0.34 -0.08
CA ALA A 226 9.64 -0.01 -1.42
C ALA A 226 10.47 -1.29 -1.47
N MET A 227 10.49 -2.12 -0.41
CA MET A 227 11.31 -3.32 -0.45
C MET A 227 10.93 -4.11 -1.70
N MET A 228 9.63 -4.21 -1.96
CA MET A 228 9.09 -4.99 -3.07
C MET A 228 9.49 -4.40 -4.44
N LEU A 229 9.84 -3.11 -4.53
CA LEU A 229 10.42 -2.60 -5.75
C LEU A 229 11.64 -3.46 -6.10
N TYR A 230 12.62 -3.49 -5.17
CA TYR A 230 13.93 -4.07 -5.44
C TYR A 230 13.82 -5.57 -5.60
N ILE A 231 12.84 -6.18 -4.90
CA ILE A 231 12.56 -7.61 -5.03
C ILE A 231 12.13 -7.89 -6.48
N LEU A 232 11.21 -7.07 -6.99
CA LEU A 232 10.72 -7.25 -8.35
C LEU A 232 11.85 -7.03 -9.37
N ALA A 233 12.69 -6.02 -9.12
CA ALA A 233 13.83 -5.76 -9.99
C ALA A 233 14.83 -6.92 -9.89
N LEU A 234 15.03 -7.47 -8.69
CA LEU A 234 16.02 -8.52 -8.50
C LEU A 234 15.57 -9.83 -9.13
N GLY A 235 14.24 -10.07 -9.15
CA GLY A 235 13.65 -11.32 -9.61
C GLY A 235 13.45 -11.39 -11.13
N SER A 236 13.58 -10.25 -11.82
CA SER A 236 13.33 -10.15 -13.25
C SER A 236 14.31 -11.00 -14.07
N PRO A 237 13.86 -11.88 -15.00
CA PRO A 237 14.74 -12.63 -15.90
C PRO A 237 15.05 -11.93 -17.22
N THR A 238 14.51 -10.71 -17.40
CA THR A 238 14.72 -9.96 -18.62
C THR A 238 15.55 -8.71 -18.36
N HIS A 239 15.17 -7.93 -17.34
CA HIS A 239 15.75 -6.63 -17.13
C HIS A 239 16.13 -6.47 -15.66
N GLY A 240 16.61 -7.57 -15.06
CA GLY A 240 16.96 -7.61 -13.65
C GLY A 240 18.20 -6.81 -13.29
N VAL A 241 18.29 -6.46 -12.00
CA VAL A 241 19.37 -5.67 -11.42
C VAL A 241 20.29 -6.62 -10.63
N GLU A 242 21.35 -6.09 -10.01
CA GLU A 242 22.33 -6.93 -9.33
C GLU A 242 22.12 -6.84 -7.82
N PRO A 243 22.59 -7.86 -7.04
CA PRO A 243 22.36 -7.91 -5.59
C PRO A 243 22.78 -6.62 -4.87
N ASP A 244 23.81 -6.00 -5.42
CA ASP A 244 24.26 -4.64 -5.14
C ASP A 244 23.10 -3.66 -4.92
N ALA A 245 22.05 -3.73 -5.75
CA ALA A 245 20.91 -2.83 -5.64
C ALA A 245 20.31 -2.90 -4.23
N TRP A 246 20.17 -4.11 -3.69
CA TRP A 246 19.66 -4.28 -2.33
C TRP A 246 20.63 -3.69 -1.31
N THR A 247 21.93 -3.99 -1.44
CA THR A 247 22.92 -3.56 -0.46
C THR A 247 22.78 -2.06 -0.22
N VAL A 248 22.79 -1.29 -1.31
CA VAL A 248 22.82 0.16 -1.22
C VAL A 248 21.44 0.71 -0.83
N TRP A 249 20.36 -0.02 -1.17
CA TRP A 249 19.02 0.28 -0.64
C TRP A 249 19.09 0.32 0.88
N THR A 250 19.83 -0.62 1.46
CA THR A 250 19.95 -0.73 2.91
C THR A 250 20.94 0.28 3.52
N ARG A 251 21.71 1.02 2.70
CA ARG A 251 22.74 1.92 3.24
C ARG A 251 22.18 3.00 4.17
N THR A 252 20.94 3.45 3.91
CA THR A 252 20.36 4.55 4.66
C THR A 252 19.50 4.03 5.81
N TYR A 253 19.39 2.70 5.95
CA TYR A 253 18.64 2.11 7.04
C TYR A 253 19.11 2.73 8.35
N ASN A 254 20.41 2.99 8.50
CA ASN A 254 20.96 3.28 9.81
C ASN A 254 20.64 4.72 10.26
N ASN A 255 20.06 5.52 9.36
CA ASN A 255 19.46 6.80 9.71
C ASN A 255 18.13 6.56 10.45
N ASP A 256 17.46 5.42 10.17
CA ASP A 256 16.12 5.18 10.67
C ASP A 256 16.16 4.25 11.88
N TRP A 257 17.25 3.48 12.04
CA TRP A 257 17.34 2.59 13.19
C TRP A 257 17.48 3.41 14.47
N GLY A 258 16.72 3.02 15.50
CA GLY A 258 16.88 3.60 16.83
C GLY A 258 15.76 3.17 17.77
N VAL A 259 15.49 4.00 18.78
CA VAL A 259 14.48 3.67 19.77
C VAL A 259 13.41 4.76 19.77
N TYR A 260 12.16 4.30 19.64
CA TYR A 260 10.96 5.15 19.67
C TYR A 260 9.90 4.42 20.49
N GLN A 261 9.43 5.07 21.56
CA GLN A 261 8.25 4.61 22.27
C GLN A 261 8.46 3.18 22.76
N GLY A 262 9.70 2.87 23.21
CA GLY A 262 10.01 1.59 23.85
C GLY A 262 10.49 0.49 22.90
N GLN A 263 10.58 0.81 21.59
CA GLN A 263 10.90 -0.23 20.61
C GLN A 263 12.15 0.16 19.82
N GLU A 264 12.92 -0.86 19.48
CA GLU A 264 14.15 -0.71 18.74
C GLU A 264 13.94 -1.34 17.37
N TYR A 265 14.04 -0.52 16.32
CA TYR A 265 13.62 -0.92 14.98
C TYR A 265 13.95 0.18 13.98
N LEU A 266 13.73 -0.12 12.71
CA LEU A 266 13.73 0.87 11.65
C LEU A 266 12.48 1.72 11.78
N SER A 267 12.63 2.97 12.27
CA SER A 267 11.50 3.79 12.70
C SER A 267 11.09 4.81 11.65
N PHE A 268 10.56 4.30 10.53
CA PHE A 268 9.84 5.10 9.54
C PHE A 268 8.46 5.41 10.12
N GLY A 269 8.11 6.69 10.17
CA GLY A 269 6.93 7.10 10.91
C GLY A 269 5.63 6.54 10.33
N PRO A 270 5.37 6.69 9.00
CA PRO A 270 4.14 6.23 8.36
C PRO A 270 3.94 4.72 8.38
N MET A 271 2.81 4.28 8.96
CA MET A 271 2.55 2.87 9.22
C MET A 271 2.69 2.05 7.93
N PHE A 272 2.24 2.62 6.80
CA PHE A 272 2.12 1.89 5.54
C PHE A 272 3.48 1.40 5.07
N GLY A 273 4.53 2.17 5.36
CA GLY A 273 5.89 1.75 5.06
C GLY A 273 6.18 0.33 5.55
N HIS A 274 5.50 -0.08 6.62
CA HIS A 274 5.74 -1.33 7.31
C HIS A 274 4.74 -2.39 6.86
N GLN A 275 3.91 -2.07 5.84
CA GLN A 275 2.78 -2.91 5.46
C GLN A 275 2.78 -3.28 3.97
N TYR A 276 3.02 -2.32 3.06
CA TYR A 276 2.78 -2.57 1.64
C TYR A 276 3.52 -3.83 1.17
N SER A 277 4.84 -3.87 1.31
CA SER A 277 5.63 -5.02 0.90
C SER A 277 5.20 -6.29 1.63
N HIS A 278 4.78 -6.13 2.91
CA HIS A 278 4.43 -7.27 3.73
C HIS A 278 3.08 -7.85 3.31
N VAL A 279 2.32 -7.13 2.48
CA VAL A 279 1.04 -7.64 1.98
C VAL A 279 1.30 -8.98 1.29
N TRP A 280 2.18 -8.98 0.27
CA TRP A 280 2.42 -10.12 -0.59
C TRP A 280 3.52 -11.06 -0.06
N ILE A 281 4.59 -10.49 0.50
CA ILE A 281 5.74 -11.23 1.00
C ILE A 281 5.60 -11.47 2.51
N ASP A 282 5.82 -12.73 2.93
CA ASP A 282 5.86 -13.15 4.33
C ASP A 282 7.30 -13.00 4.82
N PHE A 283 7.51 -12.09 5.77
CA PHE A 283 8.81 -11.61 6.20
C PHE A 283 9.17 -12.26 7.54
N ARG A 284 8.30 -13.16 8.02
CA ARG A 284 8.61 -13.96 9.20
C ARG A 284 9.83 -14.85 8.93
N ASP A 285 10.83 -14.79 9.82
CA ASP A 285 11.92 -15.76 9.92
C ASP A 285 12.97 -15.49 8.85
N ILE A 286 12.58 -15.29 7.59
CA ILE A 286 13.55 -15.05 6.53
C ILE A 286 14.31 -13.79 6.92
N GLN A 287 15.63 -13.83 6.75
CA GLN A 287 16.49 -12.72 7.13
C GLN A 287 17.48 -12.49 6.00
N ASP A 288 17.64 -11.22 5.62
CA ASP A 288 18.74 -10.77 4.78
C ASP A 288 19.95 -10.46 5.66
N GLN A 289 20.96 -9.78 5.10
CA GLN A 289 22.22 -9.58 5.81
C GLN A 289 21.99 -8.61 6.99
N TYR A 290 21.29 -7.51 6.71
CA TYR A 290 21.04 -6.49 7.71
C TYR A 290 20.32 -7.06 8.93
N MET A 291 19.29 -7.88 8.70
CA MET A 291 18.44 -8.36 9.78
C MET A 291 19.12 -9.51 10.48
N ARG A 292 19.94 -10.28 9.74
CA ARG A 292 20.75 -11.33 10.37
C ARG A 292 21.68 -10.71 11.41
N GLU A 293 22.30 -9.56 11.06
CA GLU A 293 23.22 -8.84 11.96
C GLU A 293 22.48 -8.22 13.14
N ARG A 294 21.27 -7.69 12.90
CA ARG A 294 20.49 -7.09 13.97
C ARG A 294 19.86 -8.18 14.82
N GLY A 295 19.68 -9.36 14.21
CA GLY A 295 19.08 -10.51 14.86
C GLY A 295 17.57 -10.42 14.96
N ILE A 296 16.90 -9.68 14.08
CA ILE A 296 15.44 -9.72 14.05
C ILE A 296 14.97 -10.01 12.61
N ASP A 297 13.74 -9.65 12.29
CA ASP A 297 13.31 -9.69 10.89
C ASP A 297 12.34 -8.53 10.66
N TYR A 298 11.95 -8.39 9.37
CA TYR A 298 11.07 -7.32 8.92
C TYR A 298 9.65 -7.48 9.48
N PHE A 299 9.29 -8.68 9.97
CA PHE A 299 7.94 -8.92 10.47
C PHE A 299 7.88 -8.35 11.88
N LEU A 300 8.95 -8.63 12.65
CA LEU A 300 9.16 -8.08 13.98
C LEU A 300 9.38 -6.57 13.95
N ASN A 301 9.95 -6.07 12.85
CA ASN A 301 10.14 -4.65 12.61
C ASN A 301 8.80 -3.94 12.48
N SER A 302 7.85 -4.53 11.73
CA SER A 302 6.49 -4.00 11.60
C SER A 302 5.73 -4.06 12.93
N ARG A 303 5.91 -5.17 13.66
CA ARG A 303 5.24 -5.40 14.94
C ARG A 303 5.67 -4.33 15.92
N ARG A 304 6.98 -4.03 15.94
CA ARG A 304 7.57 -3.01 16.79
C ARG A 304 7.07 -1.62 16.39
N ALA A 305 6.90 -1.42 15.08
CA ALA A 305 6.36 -0.15 14.62
C ALA A 305 4.96 0.08 15.15
N THR A 306 4.18 -1.00 15.28
CA THR A 306 2.75 -0.92 15.54
C THR A 306 2.50 -0.68 17.03
N LEU A 307 3.21 -1.41 17.88
CA LEU A 307 3.19 -1.16 19.32
C LEU A 307 3.63 0.27 19.63
N ALA A 308 4.71 0.75 18.99
CA ALA A 308 5.22 2.10 19.16
C ALA A 308 4.20 3.17 18.75
N GLN A 309 3.58 3.03 17.56
CA GLN A 309 2.46 3.89 17.18
C GLN A 309 1.40 3.95 18.28
N ARG A 310 1.06 2.79 18.83
CA ARG A 310 0.04 2.71 19.87
C ARG A 310 0.50 3.46 21.12
N ASP A 311 1.74 3.21 21.56
CA ASP A 311 2.27 3.84 22.76
C ASP A 311 2.44 5.35 22.53
N TYR A 312 2.76 5.76 21.30
CA TYR A 312 2.73 7.18 20.97
C TYR A 312 1.35 7.77 21.28
N ALA A 313 0.28 7.09 20.85
CA ALA A 313 -1.06 7.64 21.02
C ALA A 313 -1.48 7.65 22.49
N ILE A 314 -0.94 6.70 23.27
CA ILE A 314 -1.19 6.64 24.70
C ILE A 314 -0.54 7.85 25.39
N ASP A 315 0.76 8.10 25.12
CA ASP A 315 1.44 9.25 25.68
C ASP A 315 0.76 10.53 25.18
N ASN A 316 0.57 10.58 23.86
CA ASN A 316 -0.12 11.68 23.22
C ASN A 316 0.47 13.03 23.67
N PRO A 317 1.79 13.26 23.46
CA PRO A 317 2.42 14.52 23.87
C PRO A 317 1.81 15.73 23.16
N MET A 318 1.22 15.54 21.97
CA MET A 318 0.61 16.64 21.24
C MET A 318 -0.81 16.88 21.75
N LYS A 319 -1.33 15.94 22.56
CA LYS A 319 -2.62 16.06 23.25
C LYS A 319 -3.75 16.27 22.25
N TRP A 320 -3.67 15.56 21.14
CA TRP A 320 -4.75 15.51 20.17
C TRP A 320 -5.95 14.84 20.80
N LYS A 321 -7.16 15.22 20.38
CA LYS A 321 -8.35 14.66 21.00
C LYS A 321 -8.49 13.17 20.63
N ASP A 322 -8.76 12.33 21.67
CA ASP A 322 -9.25 10.96 21.61
C ASP A 322 -8.11 9.98 21.35
N TYR A 323 -6.92 10.48 21.02
CA TYR A 323 -5.75 9.63 20.92
C TYR A 323 -5.65 8.81 22.22
N GLY A 324 -5.50 7.49 22.10
CA GLY A 324 -5.45 6.63 23.28
C GLY A 324 -5.12 5.18 22.93
N GLU A 325 -5.36 4.29 23.88
CA GLU A 325 -4.82 2.93 23.81
C GLU A 325 -5.52 2.13 22.71
N ASN A 326 -6.76 2.51 22.34
CA ASN A 326 -7.52 1.85 21.28
C ASN A 326 -8.01 2.83 20.21
N VAL A 327 -7.41 4.03 20.14
CA VAL A 327 -7.67 4.99 19.08
C VAL A 327 -6.33 5.55 18.60
N TRP A 328 -5.75 4.92 17.57
CA TRP A 328 -4.41 5.27 17.13
C TRP A 328 -4.25 4.89 15.67
N GLY A 329 -3.11 5.31 15.09
CA GLY A 329 -2.69 4.88 13.77
C GLY A 329 -2.50 6.07 12.81
N LEU A 330 -1.25 6.41 12.56
CA LEU A 330 -0.87 7.55 11.73
C LEU A 330 -0.14 7.06 10.48
N THR A 331 -0.66 7.51 9.33
CA THR A 331 -0.01 7.19 8.07
C THR A 331 -0.49 8.15 6.98
N ALA A 332 0.19 8.10 5.83
CA ALA A 332 -0.20 8.90 4.69
C ALA A 332 -1.67 8.61 4.33
N GLY A 333 -2.40 9.71 4.09
CA GLY A 333 -3.81 9.68 3.81
C GLY A 333 -4.36 11.10 3.83
N ASP A 334 -5.70 11.19 3.68
CA ASP A 334 -6.41 12.45 3.63
C ASP A 334 -6.37 13.13 4.98
N GLY A 335 -6.70 14.43 4.94
CA GLY A 335 -7.05 15.22 6.11
C GLY A 335 -7.90 16.41 5.67
N PRO A 336 -8.26 17.35 6.58
CA PRO A 336 -9.28 18.36 6.31
C PRO A 336 -8.90 19.50 5.36
N GLN A 337 -7.67 20.04 5.46
CA GLN A 337 -7.33 21.29 4.79
C GLN A 337 -5.89 21.70 5.08
N ASN A 338 -5.26 22.38 4.12
CA ASN A 338 -4.00 23.08 4.35
C ASN A 338 -4.31 24.37 5.14
N THR A 339 -3.98 24.37 6.43
CA THR A 339 -4.32 25.49 7.30
C THR A 339 -3.44 25.48 8.54
N SER A 340 -3.58 26.56 9.34
CA SER A 340 -3.06 26.71 10.71
C SER A 340 -4.22 27.17 11.59
N GLN A 341 -4.37 26.57 12.78
CA GLN A 341 -5.42 26.95 13.71
C GLN A 341 -4.84 26.92 15.11
N GLU A 342 -5.58 27.51 16.03
CA GLU A 342 -5.18 27.47 17.42
C GLU A 342 -5.83 26.23 18.03
N TYR A 343 -5.00 25.41 18.68
CA TYR A 343 -5.43 24.20 19.35
C TYR A 343 -4.74 24.19 20.70
N ARG A 344 -5.55 24.19 21.78
CA ARG A 344 -5.03 24.24 23.14
C ARG A 344 -4.00 25.37 23.25
N GLY A 345 -4.35 26.54 22.70
CA GLY A 345 -3.59 27.76 22.90
C GLY A 345 -2.19 27.74 22.28
N GLU A 346 -2.02 26.97 21.20
CA GLU A 346 -0.81 26.97 20.38
C GLU A 346 -1.24 26.94 18.91
N GLN A 347 -0.28 27.26 18.03
CA GLN A 347 -0.48 27.24 16.60
C GLN A 347 -0.01 25.89 16.05
N ARG A 348 -0.91 25.19 15.35
CA ARG A 348 -0.65 23.84 14.88
C ARG A 348 -0.95 23.83 13.40
N GLN A 349 0.00 23.27 12.64
CA GLN A 349 -0.11 23.09 11.21
C GLN A 349 -1.02 21.89 10.93
N PHE A 350 -1.99 22.08 10.02
CA PHE A 350 -2.88 20.99 9.61
C PHE A 350 -2.77 20.84 8.10
N ARG A 351 -2.87 19.60 7.62
CA ARG A 351 -2.74 19.33 6.20
C ARG A 351 -3.97 18.59 5.71
N HIS A 352 -4.21 18.64 4.39
CA HIS A 352 -5.10 17.64 3.79
C HIS A 352 -4.25 16.39 3.51
N TYR A 353 -4.16 15.95 2.24
CA TYR A 353 -3.46 14.71 1.96
C TYR A 353 -1.98 14.94 2.27
N SER A 354 -1.40 14.06 3.06
CA SER A 354 -0.03 14.23 3.52
C SER A 354 0.48 12.94 4.12
N SER A 355 1.80 12.75 4.09
CA SER A 355 2.44 11.81 4.98
C SER A 355 2.07 12.18 6.41
N ARG A 356 1.74 11.16 7.19
CA ARG A 356 1.52 11.26 8.61
C ARG A 356 2.22 10.05 9.18
N GLY A 357 2.72 10.15 10.42
CA GLY A 357 3.45 9.03 10.99
C GLY A 357 3.76 9.22 12.47
N ALA A 358 4.30 8.16 13.07
CA ALA A 358 4.74 8.19 14.45
C ALA A 358 6.01 7.35 14.58
N GLY A 359 7.14 8.02 14.76
CA GLY A 359 8.46 7.41 14.64
C GLY A 359 9.54 8.50 14.53
N LEU A 360 10.78 8.12 14.20
CA LEU A 360 11.92 9.04 14.28
C LEU A 360 12.10 9.85 13.00
N ARG A 361 11.53 9.39 11.87
CA ARG A 361 11.58 10.13 10.63
C ARG A 361 10.19 10.12 9.98
N GLU A 362 9.85 11.25 9.35
CA GLU A 362 8.60 11.47 8.61
C GLU A 362 7.40 11.19 9.52
N ASN A 363 7.26 12.06 10.51
CA ASN A 363 6.36 11.84 11.61
C ASN A 363 5.47 13.08 11.80
N PHE A 364 4.82 13.53 10.72
CA PHE A 364 3.89 14.63 10.84
C PHE A 364 2.61 14.16 11.55
N ASP A 365 2.08 15.01 12.44
CA ASP A 365 0.88 14.67 13.18
C ASP A 365 -0.05 15.89 13.30
N ASP A 366 -1.28 15.70 12.81
CA ASP A 366 -2.36 16.66 12.64
C ASP A 366 -3.49 16.46 13.65
N GLY A 367 -3.49 15.30 14.30
CA GLY A 367 -4.69 14.78 14.96
C GLY A 367 -5.51 13.84 14.06
N THR A 368 -5.08 13.55 12.82
CA THR A 368 -5.92 12.74 11.97
C THR A 368 -5.36 11.32 11.96
N ILE A 369 -6.25 10.35 12.19
CA ILE A 369 -5.96 8.94 12.25
C ILE A 369 -6.57 8.32 11.00
N ALA A 370 -5.82 7.41 10.35
CA ALA A 370 -6.32 6.64 9.22
C ALA A 370 -6.48 5.21 9.67
N PRO A 371 -7.72 4.69 9.74
CA PRO A 371 -7.99 3.28 10.10
C PRO A 371 -7.10 2.20 9.49
N THR A 372 -6.66 2.37 8.23
CA THR A 372 -5.75 1.42 7.56
C THR A 372 -4.47 1.17 8.39
N ALA A 373 -4.01 2.18 9.14
CA ALA A 373 -2.75 2.12 9.84
C ALA A 373 -2.78 1.02 10.91
N ALA A 374 -3.83 1.03 11.74
CA ALA A 374 -3.99 0.04 12.82
C ALA A 374 -4.45 -1.31 12.27
N ILE A 375 -5.54 -1.28 11.50
CA ILE A 375 -6.16 -2.46 10.93
C ILE A 375 -5.16 -3.24 10.06
N SER A 376 -4.42 -2.57 9.20
CA SER A 376 -3.59 -3.29 8.24
C SER A 376 -2.38 -3.90 8.96
N SER A 377 -2.19 -3.53 10.23
CA SER A 377 -1.20 -4.14 11.10
C SER A 377 -1.79 -5.28 11.95
N ILE A 378 -2.98 -5.78 11.56
CA ILE A 378 -3.64 -6.87 12.28
C ILE A 378 -2.70 -8.07 12.43
N VAL A 379 -1.93 -8.37 11.39
CA VAL A 379 -1.11 -9.57 11.38
C VAL A 379 0.10 -9.42 12.31
N PHE A 380 0.48 -8.19 12.64
CA PHE A 380 1.70 -7.95 13.41
C PHE A 380 1.43 -7.93 14.91
N ALA A 381 0.24 -7.45 15.30
CA ALA A 381 -0.08 -7.22 16.69
C ALA A 381 -1.59 -7.32 16.90
N PRO A 382 -2.20 -8.50 16.62
CA PRO A 382 -3.65 -8.66 16.75
C PRO A 382 -4.21 -8.41 18.15
N GLU A 383 -3.37 -8.57 19.19
CA GLU A 383 -3.82 -8.39 20.56
C GLU A 383 -4.13 -6.91 20.81
N VAL A 384 -3.60 -5.98 20.01
CA VAL A 384 -3.96 -4.57 20.18
C VAL A 384 -4.75 -4.03 18.99
N VAL A 385 -4.52 -4.56 17.79
CA VAL A 385 -5.25 -4.11 16.62
C VAL A 385 -6.74 -4.48 16.70
N ILE A 386 -7.08 -5.65 17.23
CA ILE A 386 -8.46 -6.08 17.36
C ILE A 386 -9.26 -5.10 18.20
N PRO A 387 -8.95 -4.86 19.50
CA PRO A 387 -9.65 -3.83 20.28
C PRO A 387 -9.58 -2.41 19.71
N ALA A 388 -8.51 -2.08 18.97
CA ALA A 388 -8.42 -0.78 18.33
C ALA A 388 -9.54 -0.62 17.29
N THR A 389 -9.67 -1.64 16.42
CA THR A 389 -10.66 -1.64 15.36
C THR A 389 -12.08 -1.57 15.93
N GLU A 390 -12.37 -2.41 16.94
CA GLU A 390 -13.68 -2.44 17.59
C GLU A 390 -13.99 -1.07 18.21
N GLU A 391 -12.98 -0.44 18.80
CA GLU A 391 -13.18 0.79 19.55
C GLU A 391 -13.48 1.91 18.57
N MET A 392 -12.70 1.97 17.48
CA MET A 392 -12.92 3.02 16.50
C MET A 392 -14.27 2.81 15.80
N HIS A 393 -14.64 1.54 15.52
CA HIS A 393 -15.93 1.24 14.90
C HIS A 393 -17.08 1.62 15.82
N LYS A 394 -16.97 1.35 17.12
CA LYS A 394 -18.04 1.67 18.04
C LYS A 394 -18.22 3.19 18.19
N ARG A 395 -17.11 3.90 18.33
CA ARG A 395 -17.16 5.27 18.82
C ARG A 395 -17.55 6.20 17.67
N TYR A 396 -17.05 5.87 16.47
CA TYR A 396 -17.00 6.76 15.34
C TYR A 396 -17.81 6.25 14.15
N GLY A 397 -18.18 4.97 14.21
CA GLY A 397 -18.65 4.20 13.07
C GLY A 397 -19.91 4.76 12.44
N ASP A 398 -20.74 5.45 13.20
CA ASP A 398 -21.95 6.00 12.62
C ASP A 398 -21.60 7.06 11.57
N PHE A 399 -20.34 7.55 11.53
CA PHE A 399 -19.96 8.47 10.46
C PHE A 399 -18.72 7.99 9.69
N LEU A 400 -17.94 7.04 10.26
CA LEU A 400 -16.65 6.63 9.73
C LEU A 400 -16.73 5.31 8.94
N TYR A 401 -17.66 4.44 9.36
CA TYR A 401 -17.84 3.13 8.78
C TYR A 401 -19.03 3.21 7.85
N SER A 402 -18.72 3.35 6.57
CA SER A 402 -19.71 3.59 5.54
C SER A 402 -19.69 2.39 4.61
N SER A 403 -20.20 2.60 3.38
CA SER A 403 -20.63 1.57 2.45
C SER A 403 -19.49 0.65 1.99
N TYR A 404 -18.26 1.16 1.84
CA TYR A 404 -17.10 0.37 1.44
C TYR A 404 -16.09 0.22 2.58
N GLY A 405 -16.58 0.32 3.84
CA GLY A 405 -15.75 0.10 5.01
C GLY A 405 -15.32 1.40 5.68
N PHE A 406 -14.12 1.40 6.28
CA PHE A 406 -13.62 2.61 6.88
C PHE A 406 -13.29 3.63 5.80
N LEU A 407 -13.84 4.82 5.94
CA LEU A 407 -13.39 5.97 5.16
C LEU A 407 -11.94 6.26 5.52
N ASP A 408 -11.29 7.08 4.70
CA ASP A 408 -9.84 7.15 4.70
C ASP A 408 -9.29 7.59 6.04
N SER A 409 -9.92 8.61 6.66
CA SER A 409 -9.35 9.18 7.86
C SER A 409 -10.39 9.97 8.65
N PHE A 410 -10.06 10.27 9.93
CA PHE A 410 -10.88 11.12 10.77
C PHE A 410 -10.00 11.90 11.76
N ASN A 411 -10.54 13.03 12.22
CA ASN A 411 -9.82 13.93 13.08
C ASN A 411 -10.78 14.53 14.11
N PRO A 412 -10.89 13.87 15.27
CA PRO A 412 -11.76 14.36 16.34
C PRO A 412 -11.42 15.75 16.89
N SER A 413 -10.17 16.23 16.63
CA SER A 413 -9.72 17.55 17.08
C SER A 413 -10.18 18.71 16.19
N PHE A 414 -10.61 18.42 14.97
CA PHE A 414 -10.77 19.48 13.97
C PHE A 414 -12.24 19.90 13.85
N ASN A 415 -12.63 20.92 14.60
CA ASN A 415 -14.01 21.42 14.61
C ASN A 415 -14.02 22.90 14.26
N TYR A 416 -13.16 23.32 13.34
CA TYR A 416 -13.07 24.72 12.93
C TYR A 416 -14.08 25.05 11.82
N ASP A 417 -14.65 26.24 11.87
CA ASP A 417 -15.70 26.60 10.94
C ASP A 417 -15.06 27.17 9.67
N ILE A 418 -14.49 26.29 8.82
CA ILE A 418 -13.69 26.72 7.68
C ILE A 418 -13.98 25.86 6.46
N PRO A 419 -13.69 26.38 5.25
CA PRO A 419 -13.77 25.55 4.05
C PRO A 419 -12.80 24.38 4.10
N LEU A 420 -13.22 23.24 3.53
CA LEU A 420 -12.42 22.02 3.51
C LEU A 420 -12.02 21.70 2.07
N LYS A 421 -10.87 21.03 1.93
CA LYS A 421 -10.47 20.48 0.65
C LYS A 421 -11.28 19.22 0.38
N THR A 422 -11.66 18.50 1.44
CA THR A 422 -12.39 17.26 1.27
C THR A 422 -12.96 16.88 2.63
N GLY A 423 -13.67 15.75 2.69
CA GLY A 423 -14.33 15.33 3.91
C GLY A 423 -15.37 16.34 4.38
N ARG A 424 -15.74 16.29 5.66
CA ARG A 424 -16.85 17.05 6.19
C ARG A 424 -16.72 17.17 7.71
N MET A 425 -17.51 18.11 8.25
CA MET A 425 -17.62 18.38 9.68
C MET A 425 -18.83 17.61 10.24
N VAL A 426 -18.59 16.82 11.32
CA VAL A 426 -19.68 16.31 12.14
C VAL A 426 -19.75 17.13 13.45
N PRO A 427 -20.88 17.82 13.72
CA PRO A 427 -20.99 18.70 14.90
C PRO A 427 -20.44 18.18 16.24
N ASP A 428 -19.38 18.84 16.74
CA ASP A 428 -18.74 18.54 18.02
C ASP A 428 -18.12 17.13 18.07
N ARG A 429 -17.87 16.53 16.88
CA ARG A 429 -17.32 15.18 16.77
C ARG A 429 -16.20 15.16 15.74
N GLY A 430 -15.79 16.36 15.28
CA GLY A 430 -14.61 16.57 14.48
C GLY A 430 -14.90 16.48 12.97
N TRP A 431 -13.89 15.96 12.24
CA TRP A 431 -13.90 15.86 10.80
C TRP A 431 -13.74 14.40 10.38
N VAL A 432 -14.34 14.04 9.24
CA VAL A 432 -14.23 12.71 8.65
C VAL A 432 -14.00 12.86 7.16
N ALA A 433 -13.17 11.99 6.57
CA ALA A 433 -12.98 11.97 5.13
C ALA A 433 -14.32 11.74 4.42
N SER A 434 -14.40 12.13 3.14
CA SER A 434 -15.51 11.81 2.24
C SER A 434 -15.10 10.75 1.22
N ASP A 435 -13.78 10.62 0.95
CA ASP A 435 -13.26 9.59 0.07
C ASP A 435 -12.64 8.41 0.81
N TYR A 436 -12.72 7.27 0.14
CA TYR A 436 -11.86 6.12 0.37
C TYR A 436 -10.66 6.23 -0.58
N ILE A 437 -9.50 5.75 -0.14
CA ILE A 437 -8.29 5.73 -0.97
C ILE A 437 -7.90 4.27 -1.19
N ALA A 438 -7.79 3.83 -2.46
CA ALA A 438 -7.62 2.42 -2.77
C ALA A 438 -6.34 1.84 -2.14
N ILE A 439 -5.24 2.58 -2.18
CA ILE A 439 -3.99 2.11 -1.59
C ILE A 439 -4.08 2.11 -0.05
N ASP A 440 -5.11 2.73 0.53
CA ASP A 440 -5.38 2.62 1.95
C ASP A 440 -6.30 1.43 2.26
N GLN A 441 -7.25 1.18 1.32
CA GLN A 441 -8.18 0.06 1.37
C GLN A 441 -7.46 -1.29 1.10
N GLY A 442 -6.54 -1.32 0.13
CA GLY A 442 -5.99 -2.58 -0.35
C GLY A 442 -5.44 -3.43 0.80
N PRO A 443 -4.51 -2.88 1.60
CA PRO A 443 -3.95 -3.59 2.74
C PRO A 443 -4.95 -3.90 3.86
N ILE A 444 -6.00 -3.11 4.02
CA ILE A 444 -7.02 -3.52 4.98
C ILE A 444 -7.56 -4.91 4.62
N LEU A 445 -7.94 -5.06 3.36
CA LEU A 445 -8.51 -6.31 2.89
C LEU A 445 -7.47 -7.44 2.93
N ALA A 446 -6.26 -7.19 2.41
CA ALA A 446 -5.30 -8.25 2.20
C ALA A 446 -4.71 -8.72 3.53
N MET A 447 -4.56 -7.83 4.50
CA MET A 447 -3.97 -8.20 5.77
C MET A 447 -4.97 -8.96 6.63
N ILE A 448 -6.26 -8.61 6.55
CA ILE A 448 -7.25 -9.44 7.21
C ILE A 448 -7.24 -10.83 6.57
N ALA A 449 -7.15 -10.94 5.24
CA ALA A 449 -7.15 -12.26 4.62
C ALA A 449 -5.93 -13.06 5.08
N ASN A 450 -4.79 -12.38 5.23
CA ASN A 450 -3.58 -13.06 5.66
C ASN A 450 -3.70 -13.52 7.11
N TYR A 451 -4.39 -12.74 7.94
CA TYR A 451 -4.66 -13.18 9.31
C TYR A 451 -5.48 -14.48 9.33
N GLN A 452 -6.52 -14.57 8.48
CA GLN A 452 -7.49 -15.65 8.55
C GLN A 452 -6.85 -16.99 8.13
N ASN A 453 -6.07 -16.96 7.05
CA ASN A 453 -5.54 -18.18 6.46
C ASN A 453 -4.29 -17.92 5.60
N GLU A 454 -3.60 -16.80 5.81
CA GLU A 454 -2.31 -16.54 5.21
C GLU A 454 -2.41 -16.62 3.68
N PHE A 455 -3.58 -16.27 3.16
CA PHE A 455 -3.95 -16.57 1.77
C PHE A 455 -3.01 -15.86 0.79
N VAL A 456 -2.80 -14.56 0.96
CA VAL A 456 -2.03 -13.79 0.00
C VAL A 456 -0.58 -14.26 0.01
N TRP A 457 -0.01 -14.45 1.21
CA TRP A 457 1.36 -14.92 1.38
C TRP A 457 1.57 -16.26 0.69
N ASN A 458 0.59 -17.18 0.89
CA ASN A 458 0.76 -18.55 0.43
C ASN A 458 0.79 -18.59 -1.09
N VAL A 459 0.01 -17.70 -1.73
CA VAL A 459 -0.02 -17.60 -3.18
C VAL A 459 1.33 -17.11 -3.71
N MET A 460 1.92 -16.10 -3.05
CA MET A 460 3.15 -15.50 -3.54
C MET A 460 4.34 -16.43 -3.27
N LYS A 461 4.24 -17.29 -2.24
CA LYS A 461 5.25 -18.32 -1.97
C LYS A 461 5.39 -19.32 -3.12
N LYS A 462 4.55 -19.20 -4.16
CA LYS A 462 4.60 -20.05 -5.33
C LYS A 462 5.19 -19.29 -6.52
N ASN A 463 5.45 -17.99 -6.40
CA ASN A 463 5.94 -17.25 -7.55
C ASN A 463 7.45 -17.36 -7.60
N ALA A 464 7.96 -17.91 -8.71
CA ALA A 464 9.40 -18.10 -8.90
C ALA A 464 10.14 -16.76 -8.83
N TYR A 465 9.56 -15.68 -9.40
CA TYR A 465 10.25 -14.40 -9.50
C TYR A 465 10.42 -13.75 -8.12
N ILE A 466 9.39 -13.88 -7.26
CA ILE A 466 9.46 -13.33 -5.92
C ILE A 466 10.55 -14.07 -5.14
N ARG A 467 10.61 -15.40 -5.28
CA ARG A 467 11.59 -16.17 -4.53
C ARG A 467 13.00 -15.76 -4.97
N THR A 468 13.28 -15.88 -6.28
CA THR A 468 14.53 -15.46 -6.90
C THR A 468 14.93 -14.07 -6.39
N GLY A 469 14.00 -13.09 -6.48
CA GLY A 469 14.20 -11.73 -6.02
C GLY A 469 14.76 -11.67 -4.60
N LEU A 470 14.16 -12.49 -3.72
CA LEU A 470 14.49 -12.50 -2.30
C LEU A 470 15.86 -13.16 -2.14
N GLU A 471 16.08 -14.26 -2.85
CA GLU A 471 17.33 -14.99 -2.70
C GLU A 471 18.49 -14.11 -3.18
N ARG A 472 18.31 -13.45 -4.32
CA ARG A 472 19.31 -12.56 -4.87
C ARG A 472 19.51 -11.31 -4.00
N ALA A 473 18.61 -11.04 -3.06
CA ALA A 473 18.80 -9.91 -2.17
C ALA A 473 19.61 -10.32 -0.94
N GLY A 474 19.76 -11.64 -0.72
CA GLY A 474 20.50 -12.18 0.41
C GLY A 474 19.62 -12.83 1.48
N PHE A 475 18.30 -12.88 1.26
CA PHE A 475 17.39 -13.43 2.26
C PHE A 475 17.63 -14.92 2.44
N THR A 476 17.62 -15.40 3.70
CA THR A 476 17.77 -16.82 4.01
C THR A 476 16.90 -17.21 5.20
N GLY A 477 16.73 -18.52 5.40
CA GLY A 477 15.98 -19.04 6.54
C GLY A 477 14.48 -19.17 6.20
N GLY A 478 13.70 -19.57 7.21
CA GLY A 478 12.25 -19.67 7.15
C GLY A 478 11.72 -20.52 6.00
N TRP A 479 10.88 -19.92 5.16
CA TRP A 479 10.26 -20.60 4.04
C TRP A 479 11.18 -20.59 2.82
N LEU A 480 12.25 -19.76 2.83
CA LEU A 480 13.16 -19.68 1.70
C LEU A 480 14.19 -20.80 1.75
N THR A 481 14.32 -21.41 2.93
CA THR A 481 15.25 -22.48 3.21
C THR A 481 14.92 -23.71 2.36
N PRO A 482 15.90 -24.36 1.69
CA PRO A 482 15.65 -25.53 0.86
C PRO A 482 15.46 -26.85 1.64
#